data_6JSN
#
_entry.id   6JSN
#
_cell.length_a   101.705
_cell.length_b   101.705
_cell.length_c   170.422
_cell.angle_alpha   90.000
_cell.angle_beta   90.000
_cell.angle_gamma   120.000
#
_symmetry.space_group_name_H-M   'P 61 2 2'
#
loop_
_entity.id
_entity.type
_entity.pdbx_description
1 polymer 'Beta-secretase 1'
2 non-polymer 'IODIDE ION'
3 non-polymer GLYCEROL
4 non-polymer N-[3-[(5R)-3-azanyl-5-methyl-9,9-bis(oxidanylidene)-2,9$l^{6}-dithia-4-azaspiro[5.5]undec-3-en-5-yl]-4-fluoranyl-phenyl]-5-(fluoranylmethoxy)pyrazine-2-carboxamide
5 water water
#
_entity_poly.entity_id   1
_entity_poly.type   'polypeptide(L)'
_entity_poly.pdbx_seq_one_letter_code
;GSHMLPRETDEEPEEPGRRGSFVEMVDNLRGKSGQGYYVEMTVGSPPQTLNILVDTGSSNFAVGAAPHPFLHRYYQRQLS
STYRDLRKGVYVPYTQGKWEGELGTDLVSIPHGPNVTVRANIAAITESDKFFINGSNWEGILGLAYAEIARPDDSLEPFF
DSLVKQTHVPNLFSLQLCGAGFPLNQSEVLASVGGSMIIGGIDHSLYTGSLWYTPIRREWYYEVIIVRVEINGQDLKMDC
KEYNYDKSIVDSGTTNLRLPKKVFEAAVKSIKAASSTEKFPDGFWLGEQLVCWQAGTTPWNIFPVISLYLMGEVTNQSFR
ITILPQQYLRPVEDVATSQDDCYKFAISQSSTGTVMGAVIMEGFYVVFDRARKRIGFAVSACHVHDEFRTAAVEGPFVTL
DMEDCGYNIPQTDEST
;
_entity_poly.pdbx_strand_id   A
#
loop_
_chem_comp.id
_chem_comp.type
_chem_comp.name
_chem_comp.formula
C7O non-polymer N-[3-[(5R)-3-azanyl-5-methyl-9,9-bis(oxidanylidene)-2,9$l^{6}-dithia-4-azaspiro[5.5]undec-3-en-5-yl]-4-fluoranyl-phenyl]-5-(fluoranylmethoxy)pyrazine-2-carboxamide 'C21 H23 F2 N5 O4 S2'
GOL non-polymer GLYCEROL 'C3 H8 O3'
IOD non-polymer 'IODIDE ION' 'I -1'
#
# COMPACT_ATOMS: atom_id res chain seq x y z
N ARG A 19 16.25 8.80 16.50
CA ARG A 19 16.15 9.03 15.02
C ARG A 19 17.25 8.29 14.22
N GLY A 20 16.87 7.68 13.09
CA GLY A 20 17.81 7.09 12.13
C GLY A 20 18.04 5.58 12.12
N SER A 21 18.02 4.95 13.31
CA SER A 21 18.21 3.49 13.46
C SER A 21 17.20 2.87 14.43
N PHE A 22 16.31 2.03 13.92
CA PHE A 22 15.16 1.52 14.70
C PHE A 22 15.13 0.00 14.64
N VAL A 23 16.23 -0.61 15.09
CA VAL A 23 16.46 -2.06 14.98
C VAL A 23 15.29 -2.90 15.54
N GLU A 24 14.72 -2.43 16.65
CA GLU A 24 13.58 -3.11 17.30
C GLU A 24 12.35 -3.27 16.37
N MET A 25 12.19 -2.35 15.42
CA MET A 25 11.08 -2.37 14.46
C MET A 25 11.38 -3.03 13.12
N VAL A 26 12.67 -3.13 12.75
CA VAL A 26 13.06 -3.77 11.48
C VAL A 26 12.52 -5.20 11.42
N ASP A 27 11.89 -5.55 10.29
CA ASP A 27 11.36 -6.90 10.01
C ASP A 27 10.08 -7.25 10.81
N ASN A 28 9.35 -6.22 11.25
CA ASN A 28 8.09 -6.42 11.98
C ASN A 28 6.86 -6.63 11.09
N LEU A 29 7.09 -6.82 9.79
CA LEU A 29 5.98 -7.07 8.88
C LEU A 29 6.07 -8.45 8.29
N ARG A 30 4.93 -9.13 8.24
CA ARG A 30 4.84 -10.47 7.66
C ARG A 30 3.65 -10.53 6.74
N GLY A 31 3.63 -11.56 5.91
CA GLY A 31 2.48 -11.85 5.06
C GLY A 31 2.73 -12.93 4.04
N LYS A 32 1.67 -13.21 3.28
CA LYS A 32 1.74 -14.13 2.17
C LYS A 32 1.48 -13.32 0.91
N SER A 33 2.14 -13.71 -0.18
CA SER A 33 1.95 -13.10 -1.49
C SER A 33 0.46 -12.93 -1.82
N GLY A 34 0.08 -11.70 -2.11
CA GLY A 34 -1.31 -11.37 -2.44
C GLY A 34 -2.25 -11.33 -1.26
N GLN A 35 -1.73 -11.46 -0.04
CA GLN A 35 -2.56 -11.42 1.17
C GLN A 35 -2.21 -10.24 2.09
N GLY A 36 -1.38 -9.32 1.56
CA GLY A 36 -1.04 -8.08 2.26
C GLY A 36 -0.01 -8.22 3.34
N TYR A 37 0.34 -7.08 3.95
CA TYR A 37 1.39 -7.04 4.97
C TYR A 37 0.72 -6.71 6.27
N TYR A 38 1.09 -7.45 7.31
CA TYR A 38 0.51 -7.26 8.63
C TYR A 38 1.58 -7.08 9.68
N VAL A 39 1.18 -6.46 10.78
CA VAL A 39 2.04 -6.19 11.91
C VAL A 39 1.31 -6.74 13.14
N GLU A 40 2.08 -7.23 14.09
CA GLU A 40 1.51 -7.71 15.35
C GLU A 40 1.10 -6.51 16.18
N MET A 41 -0.10 -6.55 16.73
CA MET A 41 -0.59 -5.54 17.68
C MET A 41 -1.19 -6.22 18.91
N THR A 42 -1.23 -5.48 20.01
CA THR A 42 -2.01 -5.88 21.17
C THR A 42 -3.08 -4.87 21.46
N VAL A 43 -4.22 -5.41 21.88
CA VAL A 43 -5.36 -4.62 22.26
C VAL A 43 -5.85 -5.10 23.64
N GLY A 44 -6.31 -4.15 24.46
CA GLY A 44 -6.93 -4.43 25.75
C GLY A 44 -5.96 -4.75 26.87
N SER A 45 -6.50 -4.89 28.09
CA SER A 45 -5.72 -5.30 29.26
C SER A 45 -6.41 -6.49 29.95
N PRO A 46 -5.71 -7.64 30.08
CA PRO A 46 -4.42 -8.02 29.50
C PRO A 46 -4.40 -7.94 27.96
N PRO A 47 -3.21 -7.71 27.37
CA PRO A 47 -3.03 -7.57 25.91
C PRO A 47 -3.41 -8.80 25.08
N GLN A 48 -4.37 -8.63 24.19
CA GLN A 48 -4.77 -9.68 23.26
C GLN A 48 -4.02 -9.43 21.97
N THR A 49 -3.18 -10.39 21.59
CA THR A 49 -2.34 -10.30 20.40
C THR A 49 -3.19 -10.51 19.13
N LEU A 50 -3.06 -9.60 18.17
CA LEU A 50 -3.69 -9.78 16.84
C LEU A 50 -2.74 -9.39 15.72
N ASN A 51 -2.86 -10.08 14.59
CA ASN A 51 -2.15 -9.68 13.38
C ASN A 51 -3.04 -8.74 12.60
N ILE A 52 -2.50 -7.55 12.29
CA ILE A 52 -3.28 -6.47 11.70
C ILE A 52 -2.67 -5.97 10.39
N LEU A 53 -3.49 -5.94 9.34
CA LEU A 53 -3.06 -5.50 8.00
C LEU A 53 -2.77 -4.01 7.94
N VAL A 54 -1.59 -3.68 7.41
CA VAL A 54 -1.13 -2.31 7.32
C VAL A 54 -1.74 -1.70 6.07
N ASP A 55 -2.57 -0.69 6.29
CA ASP A 55 -3.38 -0.16 5.21
C ASP A 55 -3.34 1.36 5.11
N THR A 56 -2.54 1.88 4.16
CA THR A 56 -2.47 3.34 3.98
C THR A 56 -3.59 3.89 3.11
N GLY A 57 -4.52 3.02 2.71
CA GLY A 57 -5.68 3.41 1.91
C GLY A 57 -7.01 3.59 2.63
N SER A 58 -6.98 3.52 3.96
CA SER A 58 -8.18 3.67 4.79
C SER A 58 -7.81 4.25 6.16
N SER A 59 -8.80 4.55 6.99
CA SER A 59 -8.55 5.32 8.23
C SER A 59 -9.15 4.73 9.50
N ASN A 60 -9.72 3.54 9.42
CA ASN A 60 -10.31 2.89 10.59
C ASN A 60 -9.42 1.79 11.14
N PHE A 61 -9.26 1.78 12.47
CA PHE A 61 -8.75 0.60 13.15
C PHE A 61 -9.91 -0.39 13.42
N ALA A 62 -10.07 -1.35 12.52
CA ALA A 62 -11.17 -2.29 12.56
C ALA A 62 -10.64 -3.70 12.69
N VAL A 63 -11.09 -4.41 13.73
CA VAL A 63 -10.65 -5.79 14.00
C VAL A 63 -11.82 -6.74 14.20
N GLY A 64 -11.61 -8.00 13.84
CA GLY A 64 -12.61 -9.04 14.04
C GLY A 64 -12.87 -9.20 15.52
N ALA A 65 -14.14 -9.33 15.87
CA ALA A 65 -14.54 -9.40 17.28
C ALA A 65 -15.44 -10.59 17.54
N ALA A 66 -15.57 -11.45 16.53
CA ALA A 66 -16.46 -12.59 16.62
C ALA A 66 -15.81 -13.80 15.97
N PRO A 67 -16.22 -15.03 16.38
CA PRO A 67 -15.53 -16.20 15.85
C PRO A 67 -15.94 -16.56 14.43
N HIS A 68 -15.61 -15.68 13.49
CA HIS A 68 -15.66 -15.99 12.05
C HIS A 68 -14.71 -17.17 11.79
N PRO A 69 -15.18 -18.21 11.07
CA PRO A 69 -14.38 -19.43 10.86
C PRO A 69 -13.01 -19.24 10.16
N PHE A 70 -12.86 -18.22 9.30
CA PHE A 70 -11.56 -17.91 8.66
C PHE A 70 -10.49 -17.33 9.61
N LEU A 71 -10.87 -16.94 10.82
CA LEU A 71 -10.00 -16.15 11.69
C LEU A 71 -9.23 -16.99 12.68
N HIS A 72 -7.93 -16.74 12.79
CA HIS A 72 -7.06 -17.39 13.77
C HIS A 72 -7.40 -17.01 15.19
N ARG A 73 -7.76 -15.74 15.36
CA ARG A 73 -8.24 -15.19 16.62
C ARG A 73 -9.04 -13.92 16.38
N TYR A 74 -9.57 -13.34 17.45
CA TYR A 74 -10.44 -12.17 17.37
C TYR A 74 -10.43 -11.46 18.71
N TYR A 75 -10.83 -10.20 18.69
CA TYR A 75 -10.83 -9.35 19.85
C TYR A 75 -12.04 -9.70 20.70
N GLN A 76 -11.78 -9.99 21.98
CA GLN A 76 -12.80 -10.40 22.92
C GLN A 76 -12.92 -9.32 23.99
N ARG A 77 -13.85 -8.38 23.77
CA ARG A 77 -14.03 -7.22 24.66
C ARG A 77 -14.32 -7.59 26.12
N GLN A 78 -15.14 -8.63 26.32
CA GLN A 78 -15.43 -9.12 27.67
C GLN A 78 -14.17 -9.36 28.51
N LEU A 79 -13.05 -9.64 27.86
CA LEU A 79 -11.83 -10.01 28.59
C LEU A 79 -10.96 -8.84 28.98
N SER A 80 -11.38 -7.64 28.60
CA SER A 80 -10.52 -6.45 28.69
C SER A 80 -11.06 -5.43 29.68
N SER A 81 -10.30 -5.17 30.73
CA SER A 81 -10.69 -4.25 31.81
C SER A 81 -10.69 -2.79 31.37
N THR A 82 -9.98 -2.49 30.29
CA THR A 82 -9.85 -1.11 29.81
C THR A 82 -10.77 -0.78 28.62
N TYR A 83 -11.58 -1.75 28.19
CA TYR A 83 -12.55 -1.51 27.12
C TYR A 83 -13.58 -0.45 27.54
N ARG A 84 -13.93 0.43 26.60
CA ARG A 84 -14.98 1.43 26.79
C ARG A 84 -15.84 1.50 25.53
N ASP A 85 -17.13 1.26 25.70
CA ASP A 85 -18.12 1.29 24.65
C ASP A 85 -18.45 2.74 24.23
N LEU A 86 -18.61 2.98 22.94
CA LEU A 86 -19.00 4.31 22.45
C LEU A 86 -20.46 4.37 22.06
N ARG A 87 -21.14 3.23 22.16
CA ARG A 87 -22.58 3.05 21.85
C ARG A 87 -22.97 3.56 20.46
N LYS A 88 -22.11 3.26 19.49
CA LYS A 88 -22.34 3.63 18.10
C LYS A 88 -21.94 2.46 17.21
N GLY A 89 -22.80 2.14 16.25
CA GLY A 89 -22.50 1.15 15.23
C GLY A 89 -21.72 1.81 14.13
N VAL A 90 -21.21 1.00 13.21
CA VAL A 90 -20.56 1.51 12.00
C VAL A 90 -20.83 0.52 10.89
N TYR A 91 -21.18 1.04 9.72
CA TYR A 91 -21.53 0.21 8.60
C TYR A 91 -20.73 0.68 7.41
N VAL A 92 -19.86 -0.20 6.91
CA VAL A 92 -18.98 0.08 5.79
C VAL A 92 -19.29 -0.89 4.64
N PRO A 93 -20.13 -0.44 3.67
CA PRO A 93 -20.39 -1.23 2.48
C PRO A 93 -19.49 -0.85 1.30
N TYR A 94 -19.25 -1.82 0.43
CA TYR A 94 -18.55 -1.60 -0.82
C TYR A 94 -19.12 -2.54 -1.89
N THR A 95 -18.54 -2.50 -3.09
CA THR A 95 -19.04 -3.25 -4.25
C THR A 95 -19.11 -4.80 -4.01
N GLN A 96 -18.00 -5.40 -3.60
CA GLN A 96 -17.94 -6.85 -3.36
C GLN A 96 -18.55 -7.32 -2.01
N GLY A 97 -18.93 -6.39 -1.13
CA GLY A 97 -19.49 -6.76 0.18
C GLY A 97 -19.45 -5.69 1.24
N LYS A 98 -19.06 -6.08 2.46
CA LYS A 98 -19.15 -5.17 3.59
C LYS A 98 -18.45 -5.63 4.89
N TRP A 99 -18.20 -4.67 5.77
CA TRP A 99 -17.92 -4.94 7.19
C TRP A 99 -18.72 -3.99 8.05
N GLU A 100 -19.18 -4.49 9.19
CA GLU A 100 -19.91 -3.66 10.15
C GLU A 100 -19.50 -4.02 11.55
N GLY A 101 -19.60 -3.03 12.44
CA GLY A 101 -19.08 -3.19 13.77
C GLY A 101 -19.61 -2.22 14.78
N GLU A 102 -19.08 -2.35 16.00
CA GLU A 102 -19.52 -1.57 17.14
C GLU A 102 -18.29 -0.84 17.60
N LEU A 103 -18.42 0.49 17.72
CA LEU A 103 -17.29 1.34 18.05
C LEU A 103 -17.00 1.31 19.53
N GLY A 104 -15.72 1.28 19.86
CA GLY A 104 -15.24 1.39 21.24
C GLY A 104 -13.86 2.01 21.28
N THR A 105 -13.31 2.10 22.48
CA THR A 105 -11.89 2.45 22.68
C THR A 105 -11.26 1.46 23.62
N ASP A 106 -9.94 1.31 23.50
CA ASP A 106 -9.16 0.43 24.35
C ASP A 106 -7.67 0.78 24.28
N LEU A 107 -6.89 0.17 25.18
CA LEU A 107 -5.45 0.32 25.20
C LEU A 107 -4.81 -0.51 24.09
N VAL A 108 -3.97 0.15 23.30
CA VAL A 108 -3.36 -0.47 22.13
C VAL A 108 -1.84 -0.26 22.14
N SER A 109 -1.10 -1.33 21.84
CA SER A 109 0.32 -1.23 21.62
C SER A 109 0.77 -2.09 20.43
N ILE A 110 1.95 -1.75 19.90
CA ILE A 110 2.60 -2.48 18.82
C ILE A 110 3.88 -3.06 19.45
N PRO A 111 3.90 -4.38 19.73
CA PRO A 111 5.01 -5.07 20.39
C PRO A 111 6.39 -4.82 19.75
N HIS A 112 6.45 -4.81 18.42
CA HIS A 112 7.66 -4.48 17.72
C HIS A 112 7.59 -3.05 17.16
N GLY A 113 7.11 -2.13 18.00
CA GLY A 113 7.03 -0.70 17.69
C GLY A 113 7.61 0.08 18.84
N PRO A 114 7.23 1.37 18.98
CA PRO A 114 7.72 2.17 20.12
C PRO A 114 7.19 1.59 21.43
N ASN A 115 7.87 1.82 22.55
CA ASN A 115 7.37 1.36 23.85
C ASN A 115 6.33 2.29 24.45
N VAL A 116 5.15 2.31 23.83
CA VAL A 116 4.02 3.10 24.33
C VAL A 116 2.70 2.34 24.23
N THR A 117 1.74 2.75 25.06
CA THR A 117 0.36 2.28 24.97
C THR A 117 -0.58 3.46 24.81
N VAL A 118 -1.49 3.34 23.85
CA VAL A 118 -2.34 4.42 23.37
C VAL A 118 -3.77 4.00 23.61
N ARG A 119 -4.63 4.97 23.96
CA ARG A 119 -6.07 4.74 23.91
C ARG A 119 -6.50 5.14 22.52
N ALA A 120 -6.88 4.12 21.73
CA ALA A 120 -7.35 4.32 20.36
C ALA A 120 -8.75 3.78 20.18
N ASN A 121 -9.41 4.31 19.15
CA ASN A 121 -10.67 3.81 18.68
C ASN A 121 -10.51 2.44 18.04
N ILE A 122 -11.48 1.58 18.30
CA ILE A 122 -11.51 0.26 17.73
C ILE A 122 -12.93 0.02 17.22
N ALA A 123 -13.03 -0.27 15.94
CA ALA A 123 -14.26 -0.83 15.40
C ALA A 123 -14.18 -2.33 15.58
N ALA A 124 -15.11 -2.88 16.37
CA ALA A 124 -15.19 -4.32 16.65
C ALA A 124 -16.07 -5.01 15.60
N ILE A 125 -15.45 -5.73 14.67
CA ILE A 125 -16.19 -6.35 13.58
C ILE A 125 -17.06 -7.52 14.06
N THR A 126 -18.32 -7.52 13.65
CA THR A 126 -19.33 -8.47 14.15
C THR A 126 -20.12 -9.16 13.03
N GLU A 127 -19.95 -8.64 11.79
CA GLU A 127 -20.51 -9.22 10.55
C GLU A 127 -19.68 -8.71 9.37
N SER A 128 -19.40 -9.57 8.40
CA SER A 128 -18.72 -9.16 7.17
C SER A 128 -19.05 -10.06 5.98
N ASP A 129 -18.87 -9.51 4.78
CA ASP A 129 -18.97 -10.26 3.53
C ASP A 129 -17.78 -9.88 2.67
N LYS A 130 -16.95 -10.89 2.37
CA LYS A 130 -15.76 -10.78 1.50
C LYS A 130 -14.75 -9.73 1.99
N PHE A 131 -14.61 -9.65 3.31
CA PHE A 131 -13.68 -8.75 3.95
C PHE A 131 -12.40 -9.48 4.33
N PHE A 132 -12.52 -10.52 5.17
CA PHE A 132 -11.40 -11.36 5.57
C PHE A 132 -11.05 -12.34 4.45
N ILE A 133 -9.78 -12.71 4.35
CA ILE A 133 -9.30 -13.67 3.36
C ILE A 133 -9.19 -15.05 3.99
N ASN A 134 -9.82 -16.04 3.36
CA ASN A 134 -9.72 -17.43 3.78
C ASN A 134 -8.30 -17.95 3.55
N GLY A 135 -7.61 -18.31 4.62
CA GLY A 135 -6.23 -18.79 4.55
C GLY A 135 -5.21 -17.78 5.03
N SER A 136 -5.63 -16.53 5.26
CA SER A 136 -4.76 -15.44 5.68
C SER A 136 -4.53 -15.50 7.19
N ASN A 137 -3.50 -14.78 7.63
CA ASN A 137 -3.08 -14.76 9.02
C ASN A 137 -3.27 -13.37 9.66
N TRP A 138 -4.14 -12.54 9.09
CA TRP A 138 -4.49 -11.31 9.78
C TRP A 138 -5.96 -11.29 10.12
N GLU A 139 -6.30 -10.55 11.18
CA GLU A 139 -7.65 -10.52 11.77
C GLU A 139 -8.24 -9.12 11.84
N GLY A 140 -7.51 -8.15 11.25
CA GLY A 140 -7.88 -6.76 11.32
C GLY A 140 -7.05 -5.87 10.44
N ILE A 141 -7.45 -4.60 10.41
CA ILE A 141 -6.91 -3.65 9.47
C ILE A 141 -6.60 -2.34 10.19
N LEU A 142 -5.36 -1.88 10.02
CA LEU A 142 -4.90 -0.62 10.58
C LEU A 142 -5.01 0.40 9.47
N GLY A 143 -6.05 1.21 9.53
CA GLY A 143 -6.19 2.29 8.57
C GLY A 143 -5.29 3.43 8.96
N LEU A 144 -4.28 3.70 8.15
CA LEU A 144 -3.26 4.70 8.47
C LEU A 144 -3.43 6.06 7.76
N ALA A 145 -4.46 6.18 6.92
CA ALA A 145 -4.80 7.42 6.24
C ALA A 145 -5.53 8.39 7.19
N TYR A 146 -6.03 9.51 6.66
CA TYR A 146 -6.53 10.61 7.50
C TYR A 146 -8.02 10.58 7.87
N ALA A 147 -8.36 11.27 8.96
CA ALA A 147 -9.74 11.42 9.46
C ALA A 147 -10.83 11.61 8.41
N GLU A 148 -10.57 12.44 7.41
CA GLU A 148 -11.59 12.80 6.44
C GLU A 148 -12.30 11.61 5.77
N ILE A 149 -11.63 10.46 5.75
CA ILE A 149 -12.24 9.26 5.13
C ILE A 149 -12.47 8.13 6.13
N ALA A 150 -12.34 8.44 7.41
CA ALA A 150 -12.73 7.54 8.50
C ALA A 150 -14.26 7.34 8.53
N ARG A 151 -14.67 6.11 8.84
CA ARG A 151 -16.09 5.81 8.93
C ARG A 151 -16.46 5.71 10.42
N PRO A 152 -17.67 6.19 10.81
CA PRO A 152 -18.76 6.77 9.99
C PRO A 152 -18.45 8.17 9.45
N ASP A 153 -17.63 8.94 10.17
CA ASP A 153 -17.31 10.33 9.80
C ASP A 153 -15.96 10.76 10.39
N ASP A 154 -15.51 11.97 10.04
CA ASP A 154 -14.21 12.47 10.50
C ASP A 154 -14.08 12.76 11.99
N SER A 155 -15.13 12.55 12.78
CA SER A 155 -14.98 12.69 14.23
C SER A 155 -14.19 11.53 14.83
N LEU A 156 -14.26 10.36 14.18
CA LEU A 156 -13.58 9.17 14.69
C LEU A 156 -12.10 9.23 14.39
N GLU A 157 -11.35 9.60 15.41
CA GLU A 157 -9.91 9.79 15.36
C GLU A 157 -9.16 8.52 14.91
N PRO A 158 -8.40 8.58 13.78
CA PRO A 158 -7.63 7.41 13.35
C PRO A 158 -6.53 7.04 14.34
N PHE A 159 -6.07 5.80 14.28
CA PHE A 159 -5.07 5.30 15.23
C PHE A 159 -3.83 6.20 15.33
N PHE A 160 -3.29 6.59 14.16
CA PHE A 160 -2.04 7.33 14.13
C PHE A 160 -2.16 8.75 14.73
N ASP A 161 -3.28 9.40 14.49
CA ASP A 161 -3.59 10.66 15.13
C ASP A 161 -3.62 10.50 16.67
N SER A 162 -4.21 9.43 17.18
CA SER A 162 -4.21 9.14 18.63
C SER A 162 -2.80 8.94 19.15
N LEU A 163 -2.00 8.17 18.41
CA LEU A 163 -0.64 7.86 18.81
C LEU A 163 0.23 9.11 18.94
N VAL A 164 0.15 10.00 17.95
CA VAL A 164 0.93 11.24 17.92
C VAL A 164 0.43 12.20 18.99
N LYS A 165 -0.89 12.32 19.09
CA LYS A 165 -1.55 13.18 20.09
C LYS A 165 -1.25 12.74 21.52
N GLN A 166 -1.07 11.44 21.74
CA GLN A 166 -0.92 10.90 23.10
C GLN A 166 0.52 10.60 23.53
N THR A 167 1.46 10.60 22.58
CA THR A 167 2.85 10.27 22.91
C THR A 167 3.81 11.32 22.35
N HIS A 168 5.11 11.04 22.48
CA HIS A 168 6.16 11.88 21.93
C HIS A 168 6.63 11.32 20.58
N VAL A 169 5.82 10.44 19.98
CA VAL A 169 6.20 9.82 18.71
C VAL A 169 6.03 10.85 17.58
N PRO A 170 7.12 11.07 16.79
CA PRO A 170 7.07 12.03 15.69
C PRO A 170 6.00 11.63 14.68
N ASN A 171 5.44 12.64 14.01
CA ASN A 171 4.31 12.44 13.11
C ASN A 171 4.77 11.99 11.73
N LEU A 172 5.23 10.75 11.68
CA LEU A 172 5.86 10.15 10.52
C LEU A 172 5.88 8.66 10.75
N PHE A 173 5.73 7.91 9.66
CA PHE A 173 6.04 6.47 9.63
C PHE A 173 6.50 6.13 8.23
N SER A 174 7.21 5.03 8.10
CA SER A 174 7.71 4.60 6.80
C SER A 174 7.51 3.10 6.58
N LEU A 175 7.41 2.72 5.32
CA LEU A 175 7.16 1.33 4.96
C LEU A 175 8.19 0.79 3.97
N GLN A 176 8.76 -0.36 4.34
CA GLN A 176 9.52 -1.18 3.41
C GLN A 176 8.73 -2.47 3.27
N LEU A 177 8.04 -2.59 2.15
CA LEU A 177 7.26 -3.76 1.79
C LEU A 177 8.11 -4.64 0.86
N CYS A 178 8.49 -5.83 1.31
CA CYS A 178 9.56 -6.58 0.63
C CYS A 178 9.18 -7.48 -0.53
N GLY A 179 8.19 -8.34 -0.36
CA GLY A 179 7.69 -9.09 -1.52
C GLY A 179 8.54 -10.26 -2.03
N ALA A 180 7.86 -11.25 -2.59
CA ALA A 180 8.48 -12.48 -3.06
C ALA A 180 8.82 -12.43 -4.55
N GLY A 181 9.69 -13.36 -4.99
CA GLY A 181 10.11 -13.49 -6.38
C GLY A 181 10.58 -14.89 -6.72
N ALA A 191 4.16 -18.73 -0.22
CA ALA A 191 5.10 -17.66 -0.57
C ALA A 191 5.05 -16.51 0.45
N SER A 192 6.10 -16.41 1.28
CA SER A 192 6.15 -15.42 2.36
C SER A 192 6.74 -14.07 1.95
N VAL A 193 6.17 -13.01 2.48
CA VAL A 193 6.72 -11.68 2.29
C VAL A 193 7.17 -11.16 3.64
N GLY A 194 7.76 -9.98 3.65
CA GLY A 194 8.17 -9.33 4.88
C GLY A 194 8.37 -7.85 4.70
N GLY A 195 8.91 -7.23 5.74
CA GLY A 195 9.30 -5.85 5.65
C GLY A 195 9.28 -5.14 6.97
N SER A 196 9.25 -3.81 6.91
CA SER A 196 9.36 -2.99 8.11
C SER A 196 8.38 -1.80 8.08
N MET A 197 7.78 -1.58 9.24
CA MET A 197 7.02 -0.39 9.52
C MET A 197 7.74 0.37 10.63
N ILE A 198 8.35 1.48 10.26
CA ILE A 198 9.08 2.29 11.21
C ILE A 198 8.15 3.38 11.70
N ILE A 199 7.74 3.23 12.96
CA ILE A 199 6.81 4.12 13.62
C ILE A 199 7.61 5.29 14.19
N GLY A 200 7.37 6.46 13.62
CA GLY A 200 7.95 7.72 14.12
C GLY A 200 9.36 8.01 13.64
N GLY A 201 9.79 7.36 12.58
CA GLY A 201 11.13 7.59 12.09
C GLY A 201 11.47 6.91 10.79
N ILE A 202 12.76 6.93 10.51
CA ILE A 202 13.30 6.42 9.27
C ILE A 202 14.49 5.54 9.66
N ASP A 203 14.62 4.40 9.01
CA ASP A 203 15.80 3.57 9.17
C ASP A 203 16.55 3.58 7.86
N HIS A 204 17.74 4.19 7.91
CA HIS A 204 18.57 4.41 6.72
C HIS A 204 19.11 3.14 6.07
N SER A 205 19.10 2.03 6.81
CA SER A 205 19.56 0.76 6.26
C SER A 205 18.56 0.12 5.29
N LEU A 206 17.32 0.62 5.27
CA LEU A 206 16.26 0.04 4.44
C LEU A 206 16.23 0.54 2.99
N TYR A 207 17.03 1.58 2.71
CA TYR A 207 17.14 2.12 1.35
C TYR A 207 18.56 2.44 0.89
N THR A 208 18.74 2.43 -0.43
CA THR A 208 19.94 2.95 -1.12
C THR A 208 19.62 4.29 -1.82
N GLY A 209 20.66 5.07 -2.11
CA GLY A 209 20.51 6.39 -2.74
C GLY A 209 19.80 7.39 -1.83
N SER A 210 19.14 8.36 -2.45
CA SER A 210 18.45 9.38 -1.69
C SER A 210 16.92 9.24 -1.70
N LEU A 211 16.29 9.80 -0.67
CA LEU A 211 14.85 10.01 -0.63
C LEU A 211 14.46 11.19 -1.49
N TRP A 212 13.37 11.04 -2.23
CA TRP A 212 12.78 12.16 -2.96
C TRP A 212 11.34 12.28 -2.51
N TYR A 213 10.93 13.53 -2.24
CA TYR A 213 9.63 13.79 -1.65
C TYR A 213 8.66 14.33 -2.65
N THR A 214 7.46 13.76 -2.58
CA THR A 214 6.32 14.27 -3.32
C THR A 214 5.31 14.87 -2.33
N PRO A 215 4.67 16.02 -2.68
CA PRO A 215 3.79 16.61 -1.66
C PRO A 215 2.48 15.84 -1.53
N ILE A 216 1.97 15.72 -0.31
CA ILE A 216 0.62 15.20 -0.10
C ILE A 216 -0.36 16.30 -0.52
N ARG A 217 -1.09 16.09 -1.61
CA ARG A 217 -2.01 17.10 -2.15
C ARG A 217 -3.13 17.46 -1.14
N ARG A 218 -3.74 16.45 -0.53
CA ARG A 218 -4.75 16.70 0.47
C ARG A 218 -4.70 15.58 1.48
N GLU A 219 -4.95 15.91 2.73
CA GLU A 219 -4.88 14.96 3.80
C GLU A 219 -6.22 14.21 3.99
N TRP A 220 -6.47 13.26 3.09
CA TRP A 220 -7.59 12.34 3.21
C TRP A 220 -7.10 10.89 3.01
N TYR A 221 -6.85 10.49 1.76
CA TYR A 221 -5.96 9.38 1.42
C TYR A 221 -4.58 10.01 1.37
N TYR A 222 -3.56 9.20 1.14
CA TYR A 222 -2.28 9.79 0.82
C TYR A 222 -2.28 10.15 -0.64
N GLU A 223 -2.76 11.36 -0.91
CA GLU A 223 -2.94 11.81 -2.28
C GLU A 223 -1.69 12.48 -2.81
N VAL A 224 -1.37 12.15 -4.05
CA VAL A 224 -0.15 12.63 -4.71
C VAL A 224 -0.47 12.99 -6.18
N ILE A 225 0.42 13.71 -6.86
CA ILE A 225 0.17 14.03 -8.27
C ILE A 225 1.22 13.41 -9.19
N ILE A 226 0.75 12.56 -10.11
CA ILE A 226 1.58 11.97 -11.16
C ILE A 226 1.65 12.94 -12.33
N VAL A 227 2.87 13.22 -12.72
CA VAL A 227 3.13 14.37 -13.55
C VAL A 227 3.49 13.98 -14.99
N ARG A 228 3.94 12.74 -15.18
CA ARG A 228 4.41 12.20 -16.45
C ARG A 228 4.55 10.69 -16.29
N VAL A 229 4.21 9.95 -17.36
CA VAL A 229 4.36 8.49 -17.38
C VAL A 229 5.23 8.07 -18.57
N GLU A 230 6.19 7.22 -18.29
CA GLU A 230 7.05 6.63 -19.30
C GLU A 230 7.01 5.11 -19.20
N ILE A 231 6.85 4.48 -20.35
CA ILE A 231 7.07 3.06 -20.49
C ILE A 231 8.36 2.87 -21.26
N ASN A 232 9.31 2.19 -20.63
CA ASN A 232 10.66 1.97 -21.19
C ASN A 232 11.41 3.23 -21.67
N GLY A 233 11.10 4.38 -21.06
CA GLY A 233 11.65 5.66 -21.45
C GLY A 233 10.77 6.44 -22.42
N GLN A 234 9.77 5.79 -23.01
CA GLN A 234 8.86 6.47 -23.94
C GLN A 234 7.71 7.12 -23.16
N ASP A 235 7.59 8.43 -23.30
CA ASP A 235 6.46 9.18 -22.74
C ASP A 235 5.15 8.67 -23.35
N LEU A 236 4.13 8.57 -22.51
CA LEU A 236 2.80 8.19 -22.95
C LEU A 236 2.04 9.36 -23.62
N LYS A 237 2.49 10.58 -23.35
CA LYS A 237 2.04 11.83 -24.04
C LYS A 237 0.61 12.28 -23.74
N MET A 238 -0.02 11.64 -22.75
CA MET A 238 -1.36 12.03 -22.35
C MET A 238 -1.30 13.27 -21.49
N ASP A 239 -2.38 14.06 -21.51
CA ASP A 239 -2.55 15.20 -20.61
C ASP A 239 -2.31 14.81 -19.13
N CYS A 240 -1.32 15.48 -18.53
CA CYS A 240 -1.24 15.76 -17.10
C CYS A 240 -2.43 15.09 -16.31
N LYS A 241 -3.65 15.61 -16.56
CA LYS A 241 -4.86 15.40 -15.78
C LYS A 241 -5.37 13.95 -15.73
N GLU A 242 -5.24 13.25 -16.85
CA GLU A 242 -5.67 11.86 -16.96
C GLU A 242 -5.02 10.92 -15.94
N TYR A 243 -3.72 11.09 -15.69
CA TYR A 243 -2.97 10.26 -14.73
C TYR A 243 -3.49 10.35 -13.31
N ASN A 244 -4.28 11.37 -13.02
CA ASN A 244 -4.78 11.64 -11.68
C ASN A 244 -6.30 11.81 -11.70
N TYR A 245 -6.96 11.03 -12.56
CA TYR A 245 -8.40 11.10 -12.70
C TYR A 245 -9.13 9.91 -12.02
N ASP A 246 -9.79 10.15 -10.88
CA ASP A 246 -10.04 11.48 -10.28
C ASP A 246 -9.08 11.77 -9.14
N LYS A 247 -8.04 10.93 -9.02
CA LYS A 247 -7.23 10.82 -7.81
C LYS A 247 -5.98 9.98 -8.07
N SER A 248 -4.88 10.29 -7.40
CA SER A 248 -3.80 9.34 -7.29
C SER A 248 -3.50 9.14 -5.82
N ILE A 249 -3.38 7.87 -5.40
CA ILE A 249 -3.09 7.57 -3.99
C ILE A 249 -1.95 6.56 -3.80
N VAL A 250 -1.35 6.59 -2.61
CA VAL A 250 -0.33 5.61 -2.24
C VAL A 250 -1.00 4.66 -1.25
N ASP A 251 -1.11 3.41 -1.64
CA ASP A 251 -1.96 2.47 -0.89
C ASP A 251 -1.35 1.11 -0.65
N SER A 252 -0.99 0.85 0.61
CA SER A 252 -0.39 -0.44 1.01
C SER A 252 -1.41 -1.57 1.11
N GLY A 253 -2.70 -1.24 1.01
CA GLY A 253 -3.80 -2.21 1.07
C GLY A 253 -4.35 -2.61 -0.29
N THR A 254 -3.60 -2.30 -1.36
CA THR A 254 -3.92 -2.70 -2.71
C THR A 254 -2.69 -3.41 -3.27
N THR A 255 -2.93 -4.52 -3.97
CA THR A 255 -1.85 -5.27 -4.61
C THR A 255 -1.33 -4.52 -5.84
N ASN A 256 -2.24 -4.23 -6.76
CA ASN A 256 -1.88 -3.77 -8.10
C ASN A 256 -1.45 -2.34 -8.17
N LEU A 257 -0.74 -1.99 -9.25
CA LEU A 257 -0.75 -0.63 -9.74
C LEU A 257 -2.06 -0.47 -10.51
N ARG A 258 -2.96 0.33 -9.96
CA ARG A 258 -4.22 0.57 -10.60
C ARG A 258 -4.11 1.91 -11.32
N LEU A 259 -4.41 1.89 -12.62
CA LEU A 259 -4.37 3.09 -13.47
C LEU A 259 -5.77 3.39 -13.98
N PRO A 260 -6.14 4.70 -14.09
CA PRO A 260 -7.40 5.09 -14.74
C PRO A 260 -7.55 4.51 -16.15
N LYS A 261 -8.79 4.22 -16.52
CA LYS A 261 -9.17 3.54 -17.75
C LYS A 261 -8.33 3.92 -19.01
N LYS A 262 -8.32 5.22 -19.35
CA LYS A 262 -7.57 5.71 -20.52
C LYS A 262 -6.07 5.52 -20.39
N VAL A 263 -5.53 5.90 -19.24
CA VAL A 263 -4.14 5.66 -18.87
C VAL A 263 -3.77 4.18 -18.98
N PHE A 264 -4.65 3.31 -18.47
CA PHE A 264 -4.43 1.85 -18.54
C PHE A 264 -4.30 1.37 -19.99
N GLU A 265 -5.25 1.77 -20.83
CA GLU A 265 -5.22 1.47 -22.28
C GLU A 265 -3.92 1.85 -22.96
N ALA A 266 -3.51 3.11 -22.80
CA ALA A 266 -2.29 3.61 -23.46
C ALA A 266 -1.07 2.86 -22.97
N ALA A 267 -1.02 2.62 -21.66
CA ALA A 267 0.06 1.89 -21.02
C ALA A 267 0.20 0.48 -21.55
N VAL A 268 -0.93 -0.19 -21.73
CA VAL A 268 -0.96 -1.58 -22.22
C VAL A 268 -0.51 -1.65 -23.68
N LYS A 269 -1.13 -0.82 -24.55
CA LYS A 269 -0.69 -0.64 -25.95
C LYS A 269 0.83 -0.51 -26.06
N SER A 270 1.39 0.35 -25.21
CA SER A 270 2.84 0.55 -25.12
C SER A 270 3.61 -0.66 -24.60
N ILE A 271 3.11 -1.30 -23.52
CA ILE A 271 3.75 -2.49 -22.92
C ILE A 271 3.73 -3.66 -23.92
N LYS A 272 2.59 -3.88 -24.57
CA LYS A 272 2.45 -4.88 -25.66
C LYS A 272 3.48 -4.64 -26.75
N ALA A 273 3.54 -3.38 -27.22
CA ALA A 273 4.51 -2.97 -28.23
C ALA A 273 5.96 -3.23 -27.81
N ALA A 274 6.29 -2.90 -26.57
CA ALA A 274 7.64 -3.14 -26.05
C ALA A 274 7.97 -4.64 -25.88
N SER A 275 6.93 -5.44 -25.68
CA SER A 275 7.08 -6.89 -25.50
C SER A 275 6.63 -7.70 -26.72
N SER A 276 6.97 -7.20 -27.91
CA SER A 276 6.58 -7.81 -29.19
C SER A 276 7.31 -9.11 -29.51
N THR A 277 8.50 -9.32 -28.93
CA THR A 277 9.33 -10.53 -29.17
C THR A 277 8.62 -11.87 -28.86
N GLU A 278 7.74 -11.87 -27.84
CA GLU A 278 6.86 -13.01 -27.52
C GLU A 278 5.42 -12.49 -27.38
N LYS A 279 4.46 -13.26 -27.92
CA LYS A 279 3.03 -12.88 -27.89
C LYS A 279 2.26 -13.59 -26.76
N PHE A 280 1.16 -12.98 -26.31
CA PHE A 280 0.35 -13.48 -25.20
C PHE A 280 -1.11 -13.16 -25.46
N PRO A 281 -2.04 -14.01 -24.96
CA PRO A 281 -3.47 -13.69 -25.19
C PRO A 281 -3.90 -12.35 -24.60
N ASP A 282 -4.87 -11.71 -25.24
CA ASP A 282 -5.44 -10.44 -24.80
C ASP A 282 -6.03 -10.43 -23.37
N GLY A 283 -6.50 -11.60 -22.92
CA GLY A 283 -7.05 -11.78 -21.56
C GLY A 283 -6.02 -11.58 -20.44
N PHE A 284 -4.77 -12.02 -20.70
CA PHE A 284 -3.65 -11.86 -19.77
C PHE A 284 -3.41 -10.41 -19.30
N TRP A 285 -3.50 -9.47 -20.25
CA TRP A 285 -3.33 -8.04 -20.00
C TRP A 285 -4.49 -7.44 -19.20
N LEU A 286 -5.62 -8.14 -19.18
CA LEU A 286 -6.77 -7.71 -18.38
C LEU A 286 -6.85 -8.45 -17.02
N GLY A 287 -5.77 -9.19 -16.70
CA GLY A 287 -5.71 -10.04 -15.51
C GLY A 287 -6.89 -11.00 -15.40
N GLU A 288 -7.32 -11.50 -16.56
CA GLU A 288 -8.47 -12.42 -16.71
C GLU A 288 -7.99 -13.86 -16.82
N GLN A 289 -6.70 -14.03 -17.14
CA GLN A 289 -6.02 -15.32 -17.15
C GLN A 289 -4.55 -15.11 -16.80
N LEU A 290 -3.86 -16.22 -16.51
CA LEU A 290 -2.43 -16.20 -16.19
C LEU A 290 -1.61 -16.53 -17.43
N VAL A 291 -0.30 -16.32 -17.32
CA VAL A 291 0.67 -16.82 -18.28
C VAL A 291 1.84 -17.45 -17.53
N CYS A 292 2.43 -18.50 -18.09
CA CYS A 292 3.47 -19.29 -17.42
C CYS A 292 4.68 -19.50 -18.32
N TRP A 293 5.84 -19.65 -17.69
CA TRP A 293 7.08 -20.05 -18.36
C TRP A 293 7.66 -21.25 -17.62
N GLN A 294 8.59 -21.95 -18.28
CA GLN A 294 9.36 -23.01 -17.64
C GLN A 294 10.20 -22.42 -16.50
N ALA A 295 10.31 -23.18 -15.40
CA ALA A 295 10.96 -22.72 -14.16
C ALA A 295 12.41 -22.25 -14.35
N GLY A 296 12.70 -21.08 -13.82
CA GLY A 296 14.02 -20.45 -13.96
C GLY A 296 14.31 -19.85 -15.32
N THR A 297 13.30 -19.78 -16.19
CA THR A 297 13.45 -19.27 -17.56
C THR A 297 12.39 -18.21 -17.91
N THR A 298 12.25 -17.21 -17.05
CA THR A 298 11.40 -16.05 -17.34
C THR A 298 12.23 -15.05 -18.14
N PRO A 299 11.67 -14.56 -19.27
CA PRO A 299 12.33 -13.53 -20.04
C PRO A 299 11.93 -12.13 -19.54
N TRP A 300 12.45 -11.77 -18.36
CA TRP A 300 12.24 -10.44 -17.73
C TRP A 300 12.57 -9.32 -18.72
N ASN A 301 13.72 -9.46 -19.35
CA ASN A 301 14.29 -8.61 -20.39
C ASN A 301 13.34 -8.18 -21.52
N ILE A 302 12.40 -9.05 -21.87
CA ILE A 302 11.37 -8.75 -22.88
C ILE A 302 10.28 -7.77 -22.39
N PHE A 303 10.31 -7.42 -21.10
CA PHE A 303 9.32 -6.52 -20.49
C PHE A 303 9.91 -5.15 -20.10
N PRO A 304 9.17 -4.05 -20.37
CA PRO A 304 9.67 -2.68 -20.11
C PRO A 304 9.70 -2.29 -18.63
N VAL A 305 10.54 -1.30 -18.31
CA VAL A 305 10.44 -0.58 -17.03
C VAL A 305 9.27 0.42 -17.12
N ILE A 306 8.73 0.78 -15.97
CA ILE A 306 7.63 1.74 -15.93
C ILE A 306 8.08 2.87 -15.02
N SER A 307 7.91 4.10 -15.51
CA SER A 307 8.31 5.28 -14.79
C SER A 307 7.14 6.17 -14.52
N LEU A 308 6.91 6.46 -13.24
CA LEU A 308 6.00 7.53 -12.87
C LEU A 308 6.83 8.71 -12.41
N TYR A 309 6.52 9.88 -12.94
CA TYR A 309 7.13 11.12 -12.47
C TYR A 309 6.16 11.76 -11.47
N LEU A 310 6.68 12.16 -10.32
CA LEU A 310 5.87 12.76 -9.28
C LEU A 310 6.22 14.22 -9.10
N MET A 311 5.23 15.00 -8.71
CA MET A 311 5.44 16.40 -8.36
C MET A 311 6.55 16.47 -7.32
N GLY A 312 7.58 17.27 -7.61
CA GLY A 312 8.66 17.50 -6.66
C GLY A 312 8.25 18.46 -5.57
N GLU A 313 9.19 18.80 -4.69
CA GLU A 313 8.96 19.79 -3.61
C GLU A 313 8.97 21.26 -4.07
N VAL A 314 9.70 21.52 -5.14
CA VAL A 314 9.97 22.86 -5.62
C VAL A 314 9.19 23.06 -6.92
N THR A 315 8.71 24.28 -7.11
CA THR A 315 8.09 24.74 -8.35
C THR A 315 8.87 24.25 -9.58
N ASN A 316 8.16 23.67 -10.52
CA ASN A 316 8.75 23.17 -11.77
C ASN A 316 9.77 22.03 -11.66
N GLN A 317 9.98 21.53 -10.44
CA GLN A 317 10.87 20.40 -10.22
C GLN A 317 10.08 19.09 -10.01
N SER A 318 10.44 18.04 -10.75
CA SER A 318 9.87 16.71 -10.52
C SER A 318 10.95 15.64 -10.29
N PHE A 319 10.52 14.46 -9.84
CA PHE A 319 11.42 13.31 -9.77
C PHE A 319 10.70 12.11 -10.36
N ARG A 320 11.45 11.05 -10.61
CA ARG A 320 10.94 9.89 -11.31
C ARG A 320 11.22 8.64 -10.48
N ILE A 321 10.22 7.78 -10.38
CA ILE A 321 10.39 6.44 -9.81
C ILE A 321 10.19 5.42 -10.92
N THR A 322 10.98 4.36 -10.88
CA THR A 322 10.98 3.36 -11.95
C THR A 322 10.86 1.94 -11.37
N ILE A 323 9.87 1.19 -11.83
CA ILE A 323 9.64 -0.19 -11.39
C ILE A 323 9.99 -1.19 -12.48
N LEU A 324 10.28 -2.41 -12.05
CA LEU A 324 10.68 -3.50 -12.92
C LEU A 324 9.50 -4.43 -13.19
N PRO A 325 9.65 -5.38 -14.15
CA PRO A 325 8.64 -6.43 -14.38
C PRO A 325 8.50 -7.35 -13.17
N GLN A 326 9.60 -7.54 -12.47
CA GLN A 326 9.63 -8.21 -11.17
C GLN A 326 8.62 -7.64 -10.16
N GLN A 327 8.20 -6.39 -10.37
CA GLN A 327 7.19 -5.75 -9.53
C GLN A 327 5.77 -5.91 -10.06
N TYR A 328 5.59 -5.82 -11.38
CA TYR A 328 4.24 -5.90 -11.97
C TYR A 328 3.78 -7.26 -12.52
N LEU A 329 4.72 -8.20 -12.68
CA LEU A 329 4.41 -9.61 -12.94
C LEU A 329 4.49 -10.39 -11.61
N ARG A 330 3.34 -10.59 -10.97
CA ARG A 330 3.30 -11.23 -9.63
C ARG A 330 3.38 -12.75 -9.78
N PRO A 331 4.29 -13.40 -9.02
CA PRO A 331 4.31 -14.88 -8.99
C PRO A 331 3.04 -15.45 -8.35
N VAL A 332 2.34 -16.33 -9.07
CA VAL A 332 1.18 -17.06 -8.55
C VAL A 332 1.61 -18.51 -8.30
N GLU A 333 1.76 -18.85 -7.03
CA GLU A 333 2.09 -20.21 -6.60
C GLU A 333 0.80 -21.04 -6.53
N ASP A 334 -0.30 -20.36 -6.21
CA ASP A 334 -1.63 -20.94 -5.94
C ASP A 334 -2.25 -21.83 -7.03
N VAL A 335 -1.86 -21.64 -8.29
CA VAL A 335 -2.37 -22.42 -9.43
C VAL A 335 -2.18 -23.94 -9.26
N ALA A 336 -3.31 -24.64 -9.13
CA ALA A 336 -3.34 -26.11 -8.98
C ALA A 336 -3.51 -26.85 -10.32
N THR A 337 -3.88 -26.11 -11.36
CA THR A 337 -3.98 -26.65 -12.73
C THR A 337 -2.62 -26.72 -13.50
N SER A 338 -1.54 -26.21 -12.89
CA SER A 338 -0.18 -26.21 -13.50
C SER A 338 1.00 -26.37 -12.50
N GLN A 339 2.03 -27.12 -12.93
CA GLN A 339 3.23 -27.39 -12.12
C GLN A 339 4.47 -26.69 -12.69
N ASP A 341 5.92 -22.06 -12.91
CA ASP A 341 6.26 -20.64 -12.82
C ASP A 341 5.25 -19.79 -13.58
N CYS A 342 4.04 -19.68 -13.03
CA CYS A 342 2.98 -18.84 -13.57
C CYS A 342 2.92 -17.45 -12.92
N TYR A 343 2.42 -16.46 -13.67
CA TYR A 343 2.40 -15.05 -13.25
C TYR A 343 1.09 -14.34 -13.59
N LYS A 344 0.77 -13.32 -12.79
CA LYS A 344 -0.36 -12.42 -13.07
C LYS A 344 0.17 -11.04 -13.45
N PHE A 345 -0.45 -10.43 -14.46
CA PHE A 345 -0.19 -9.03 -14.81
C PHE A 345 -0.94 -8.19 -13.79
N ALA A 346 -0.16 -7.41 -13.03
CA ALA A 346 -0.67 -6.68 -11.88
C ALA A 346 -0.79 -5.18 -12.11
N ILE A 347 -1.07 -4.81 -13.35
CA ILE A 347 -1.45 -3.45 -13.68
C ILE A 347 -2.85 -3.58 -14.22
N SER A 348 -3.75 -2.80 -13.65
CA SER A 348 -5.16 -2.98 -13.89
C SER A 348 -5.87 -1.65 -13.94
N GLN A 349 -7.03 -1.63 -14.58
CA GLN A 349 -7.82 -0.41 -14.77
C GLN A 349 -8.58 -0.03 -13.52
N SER A 350 -8.91 1.25 -13.38
CA SER A 350 -9.63 1.74 -12.22
C SER A 350 -10.63 2.81 -12.61
N SER A 351 -11.66 2.93 -11.78
CA SER A 351 -12.64 4.01 -11.90
C SER A 351 -12.51 4.95 -10.71
N THR A 352 -11.52 4.69 -9.86
CA THR A 352 -11.33 5.49 -8.65
C THR A 352 -10.01 6.26 -8.66
N GLY A 353 -9.38 6.32 -9.83
CA GLY A 353 -8.11 7.01 -10.00
C GLY A 353 -6.92 6.07 -9.92
N THR A 354 -5.71 6.63 -9.89
CA THR A 354 -4.49 5.83 -9.78
C THR A 354 -4.31 5.36 -8.33
N VAL A 355 -3.93 4.09 -8.19
CA VAL A 355 -3.60 3.50 -6.89
C VAL A 355 -2.20 2.90 -6.98
N MET A 356 -1.27 3.51 -6.26
CA MET A 356 0.10 3.00 -6.21
C MET A 356 0.12 2.00 -5.07
N GLY A 357 -0.20 0.76 -5.43
CA GLY A 357 -0.28 -0.36 -4.49
C GLY A 357 1.06 -1.02 -4.28
N ALA A 358 1.01 -2.27 -3.80
CA ALA A 358 2.21 -3.08 -3.54
C ALA A 358 3.17 -3.14 -4.73
N VAL A 359 2.61 -3.19 -5.95
CA VAL A 359 3.40 -3.21 -7.21
C VAL A 359 4.42 -2.10 -7.24
N ILE A 360 3.98 -0.88 -6.88
CA ILE A 360 4.86 0.26 -6.72
C ILE A 360 5.71 0.07 -5.45
N MET A 361 5.04 -0.01 -4.31
CA MET A 361 5.70 0.09 -2.99
C MET A 361 6.75 -0.98 -2.69
N GLU A 362 6.60 -2.16 -3.30
CA GLU A 362 7.62 -3.20 -3.21
C GLU A 362 8.96 -2.82 -3.85
N GLY A 363 8.93 -1.84 -4.75
CA GLY A 363 10.15 -1.26 -5.34
C GLY A 363 10.89 -0.30 -4.42
N PHE A 364 10.20 0.28 -3.44
CA PHE A 364 10.75 1.44 -2.72
C PHE A 364 10.59 1.37 -1.22
N TYR A 365 11.42 2.11 -0.52
CA TYR A 365 11.17 2.46 0.87
C TYR A 365 10.35 3.76 0.85
N VAL A 366 9.17 3.71 1.46
CA VAL A 366 8.22 4.81 1.33
C VAL A 366 8.04 5.50 2.68
N VAL A 367 8.32 6.80 2.72
CA VAL A 367 8.26 7.59 3.96
C VAL A 367 7.02 8.48 3.97
N PHE A 368 6.11 8.23 4.90
CA PHE A 368 4.88 9.02 4.97
C PHE A 368 5.13 10.13 5.95
N ASP A 369 5.57 11.28 5.44
CA ASP A 369 6.02 12.39 6.29
C ASP A 369 4.84 13.30 6.57
N ARG A 370 4.04 12.86 7.52
CA ARG A 370 2.81 13.53 7.89
C ARG A 370 3.04 14.94 8.43
N ALA A 371 4.04 15.06 9.32
CA ALA A 371 4.50 16.36 9.83
C ALA A 371 4.74 17.40 8.72
N ARG A 372 5.34 16.97 7.61
CA ARG A 372 5.78 17.89 6.55
C ARG A 372 4.94 17.77 5.27
N LYS A 373 3.78 17.11 5.39
CA LYS A 373 2.79 16.91 4.29
C LYS A 373 3.42 16.43 2.99
N ARG A 374 4.22 15.37 3.09
CA ARG A 374 4.96 14.86 1.94
C ARG A 374 5.25 13.39 2.08
N ILE A 375 5.49 12.75 0.94
CA ILE A 375 5.83 11.34 0.91
C ILE A 375 7.16 11.16 0.20
N GLY A 376 8.08 10.51 0.89
CA GLY A 376 9.39 10.23 0.34
C GLY A 376 9.44 8.88 -0.31
N PHE A 377 10.23 8.81 -1.38
CA PHE A 377 10.50 7.58 -2.09
C PHE A 377 12.02 7.38 -2.20
N ALA A 378 12.48 6.18 -1.95
CA ALA A 378 13.88 5.80 -2.20
C ALA A 378 13.91 4.34 -2.61
N VAL A 379 14.93 3.96 -3.39
CA VAL A 379 15.15 2.56 -3.79
C VAL A 379 15.21 1.65 -2.55
N SER A 380 14.30 0.68 -2.49
CA SER A 380 14.25 -0.30 -1.41
C SER A 380 15.46 -1.23 -1.46
N ALA A 381 16.15 -1.36 -0.33
CA ALA A 381 17.27 -2.30 -0.19
C ALA A 381 16.88 -3.78 -0.46
N CYS A 382 15.59 -4.10 -0.33
CA CYS A 382 15.10 -5.47 -0.47
C CYS A 382 14.32 -5.73 -1.77
N HIS A 383 14.24 -4.76 -2.69
CA HIS A 383 13.41 -4.94 -3.87
C HIS A 383 13.98 -6.00 -4.81
N VAL A 384 13.09 -6.77 -5.42
CA VAL A 384 13.49 -7.91 -6.23
C VAL A 384 13.87 -7.38 -7.61
N HIS A 385 15.07 -7.77 -8.04
CA HIS A 385 15.65 -7.31 -9.30
C HIS A 385 16.62 -8.34 -9.88
N ASP A 386 17.10 -8.09 -11.10
CA ASP A 386 18.10 -8.96 -11.73
C ASP A 386 19.44 -8.26 -11.88
N GLU A 387 20.35 -8.92 -12.58
CA GLU A 387 21.70 -8.44 -12.83
C GLU A 387 21.75 -7.26 -13.82
N PHE A 388 20.65 -7.06 -14.57
CA PHE A 388 20.60 -6.04 -15.62
C PHE A 388 19.99 -4.69 -15.21
N ARG A 389 18.86 -4.74 -14.49
CA ARG A 389 18.08 -3.55 -14.18
C ARG A 389 17.72 -3.48 -12.69
N THR A 390 17.61 -2.24 -12.20
CA THR A 390 17.27 -1.96 -10.80
C THR A 390 16.10 -0.97 -10.74
N ALA A 391 15.24 -1.12 -9.73
CA ALA A 391 14.30 -0.05 -9.42
C ALA A 391 15.09 1.23 -9.12
N ALA A 392 14.53 2.37 -9.50
CA ALA A 392 15.26 3.62 -9.49
C ALA A 392 14.41 4.74 -8.95
N VAL A 393 15.07 5.64 -8.24
CA VAL A 393 14.48 6.91 -7.87
C VAL A 393 15.49 7.97 -8.34
N GLU A 394 15.07 8.76 -9.32
CA GLU A 394 15.94 9.72 -9.99
C GLU A 394 15.32 11.12 -10.06
N GLY A 395 16.16 12.13 -9.85
CA GLY A 395 15.83 13.54 -10.07
C GLY A 395 17.06 14.43 -10.00
N PRO A 396 16.87 15.77 -10.07
CA PRO A 396 15.61 16.46 -10.37
C PRO A 396 15.37 16.53 -11.88
N PHE A 397 14.11 16.73 -12.27
CA PHE A 397 13.71 16.96 -13.66
C PHE A 397 12.88 18.22 -13.74
N VAL A 398 12.88 18.85 -14.91
CA VAL A 398 12.10 20.07 -15.14
C VAL A 398 10.78 19.67 -15.79
N THR A 399 9.68 20.00 -15.11
CA THR A 399 8.32 19.78 -15.62
C THR A 399 7.46 20.99 -15.27
N LEU A 400 6.78 21.53 -16.28
CA LEU A 400 5.97 22.73 -16.11
C LEU A 400 4.51 22.36 -15.97
N ASP A 401 3.74 23.21 -15.29
CA ASP A 401 2.28 23.07 -15.12
C ASP A 401 1.90 21.81 -14.32
N MET A 402 2.68 21.51 -13.30
CA MET A 402 2.43 20.32 -12.48
C MET A 402 1.11 20.38 -11.70
N GLU A 403 0.67 21.59 -11.34
CA GLU A 403 -0.64 21.81 -10.70
C GLU A 403 -1.80 21.39 -11.60
N ASP A 404 -1.62 21.54 -12.91
CA ASP A 404 -2.63 21.13 -13.90
C ASP A 404 -2.80 19.60 -14.06
N CYS A 405 -1.84 18.79 -13.60
CA CYS A 405 -2.03 17.32 -13.55
C CYS A 405 -3.11 16.94 -12.54
N GLY A 406 -3.32 17.83 -11.56
CA GLY A 406 -4.32 17.66 -10.48
C GLY A 406 -5.76 17.86 -10.91
N TYR A 407 -6.68 17.20 -10.20
CA TYR A 407 -8.08 17.18 -10.60
C TYR A 407 -8.99 17.86 -9.59
N ASN A 408 -9.99 18.60 -10.11
CA ASN A 408 -11.02 19.28 -9.29
C ASN A 408 -12.44 19.05 -9.81
N ILE A 409 -13.41 18.92 -8.89
CA ILE A 409 -14.83 18.73 -9.22
C ILE A 409 -15.48 19.96 -9.86
I IOD B . -17.47 -11.26 11.09
I IOD C . 12.73 13.69 9.23
I IOD D . -17.02 -14.03 3.83
I IOD E . -12.64 7.71 -18.54
I IOD F . -8.99 8.49 21.71
I IOD G . -9.77 14.81 -16.81
C1 GOL H . -9.28 -16.01 21.26
O1 GOL H . -9.57 -15.24 20.08
C2 GOL H . -9.53 -17.50 21.03
O2 GOL H . -9.27 -17.88 19.66
C3 GOL H . -10.98 -17.86 21.38
O3 GOL H . -10.99 -18.89 22.36
C1 C7O I . -10.17 -1.29 3.47
C2 C7O I . -9.57 -1.86 2.17
C3 C7O I . -7.85 -0.67 0.92
C4 C7O I . -10.05 -1.93 -0.35
C5 C7O I . -10.61 -1.53 1.07
C6 C7O I . -11.01 -0.01 0.79
C7 C7O I . -11.95 0.42 -0.33
N1 C7O I . -8.36 -1.04 2.00
N2 C7O I . -6.68 0.17 0.95
O1 C7O I . -14.02 -0.24 1.13
C8 C7O I . -12.97 -2.34 -0.03
O2 C7O I . -14.18 -0.35 -1.35
N3 C7O I . -6.35 -5.50 1.12
C9 C7O I . -11.86 -2.52 1.02
C10 C7O I . -9.20 -3.37 2.29
C11 C7O I . -8.02 -3.85 1.70
C12 C7O I . -7.64 -5.19 1.76
C13 C7O I . -5.71 -6.80 0.98
C14 C7O I . -4.31 -6.77 0.30
C15 C7O I . -2.46 -5.52 -0.30
F2 C7O I . -11.13 -3.95 3.61
C21 C7O I . -9.98 -4.29 2.99
S2 C7O I . -13.38 -0.61 -0.14
S1 C7O I . -8.47 -1.12 -0.69
C20 C7O I . -9.59 -5.63 3.08
C19 C7O I . -8.41 -6.08 2.47
O3 C7O I . -6.14 -7.82 1.37
C18 C7O I . -3.72 -7.92 -0.23
N5 C7O I . -2.51 -7.81 -0.79
C16 C7O I . -1.87 -6.64 -0.83
N4 C7O I . -3.66 -5.61 0.28
O4 C7O I . -0.58 -6.49 -1.41
C17 C7O I . 0.07 -7.71 -1.74
F1 C7O I . 0.37 -8.44 -0.62
#